data_4MVB
#
_entry.id   4MVB
#
_cell.length_a   172.799
_cell.length_b   60.402
_cell.length_c   69.652
_cell.angle_alpha   90.00
_cell.angle_beta   97.98
_cell.angle_gamma   90.00
#
_symmetry.space_group_name_H-M   'C 1 2 1'
#
loop_
_entity.id
_entity.type
_entity.pdbx_description
1 polymer '42F3 alpha VmCh'
2 polymer '42F3 beta VmCh'
3 polymer 'H-2 class I histocompatibility antigen, L-D alpha chain'
4 polymer pCPB7
#
loop_
_entity_poly.entity_id
_entity_poly.type
_entity_poly.pdbx_seq_one_letter_code
_entity_poly.pdbx_strand_id
1 'polypeptide(L)'
;GSHMAQSVTQPDARVTVSEGASLQLRCKYSYSATPYLFWYVQYPRQGLQMLLKYYSGDPVVQGVNGFEAEFSKSDSSFHL
RKASVHWSDSAVYFCAVSAKGTGSKLSFGKGAKLTVSPNIQNPDPAVYQLRDSKSSDKSVCLFTDFDSQTNVSQSKDSDV
YITDKCVLDMRSMDFKSNSAVAWSNKSDFACANAFNNSIIPEDTFFPSPESS
;
C
2 'polypeptide(L)'
;MGEAAVTQSPRNKVTVTGGNVTLSCRQTNSHNYMYWYRQDTGHGLRLIHYSYGAGNLQIGDVPDGYKATRTTQEDFFLLL
ELASPSQTSLYFCASSDAPGQLYFGEGSKLTVLEDLKNVFPPEVAVFEPSEAEISHTQKATLVCLATGFYPDHVELSWWV
NGKEVHSGVCTDPQPLKEQPALNDSRYALSSRLRVSATFWQNPRNHFRCQVQFYGLSENDEWTQDRAKPVTQIVSAEAWG
RAD
;
D
3 'polypeptide(L)'
;MGPHSMRYYETATSRRGLGEPRYTSVGYVDDKEFVRFDSDAENPRYEPQVPWMEQEGPEYWERITQIAKGQEQWFRVNLR
TLLGYYNQSAGGTHTLQWMYGCDVGSDGRLLRGYEQFAYDGCDYIALNEDLRTWTAADMAAQITRRKWEQAGAAEYYRAY
LEGECVEWLHRYLKNGNATL
;
A
4 'polypeptide(L)' QPAEGGFQL B
#
# COMPACT_ATOMS: atom_id res chain seq x y z
N SER A 7 8.52 -16.14 1.44
CA SER A 7 7.24 -15.67 0.92
C SER A 7 6.16 -15.76 1.98
N VAL A 8 5.20 -14.83 1.93
CA VAL A 8 4.07 -14.84 2.85
C VAL A 8 2.85 -15.50 2.22
N THR A 9 2.17 -16.35 3.00
CA THR A 9 0.99 -17.05 2.52
C THR A 9 -0.26 -16.65 3.29
N GLN A 10 -1.21 -16.03 2.59
CA GLN A 10 -2.51 -15.73 3.16
C GLN A 10 -3.55 -16.66 2.53
N PRO A 11 -4.22 -17.47 3.37
CA PRO A 11 -5.13 -18.54 2.94
C PRO A 11 -6.21 -18.10 1.96
N ASP A 12 -6.96 -17.06 2.33
CA ASP A 12 -8.09 -16.61 1.51
C ASP A 12 -7.92 -15.18 1.01
N ALA A 13 -8.35 -14.95 -0.23
CA ALA A 13 -8.27 -13.63 -0.83
C ALA A 13 -9.59 -12.88 -0.65
N ARG A 14 -10.66 -13.64 -0.38
CA ARG A 14 -11.98 -13.06 -0.19
C ARG A 14 -12.55 -13.52 1.15
N VAL A 15 -12.98 -12.57 1.98
CA VAL A 15 -13.63 -12.92 3.24
C VAL A 15 -14.84 -12.02 3.51
N THR A 16 -15.95 -12.63 3.93
CA THR A 16 -17.16 -11.88 4.20
C THR A 16 -17.63 -12.10 5.64
N VAL A 17 -17.84 -11.01 6.37
CA VAL A 17 -18.27 -11.14 7.77
C VAL A 17 -19.34 -10.10 8.14
N SER A 18 -20.33 -10.52 8.93
CA SER A 18 -21.38 -9.62 9.40
C SER A 18 -20.79 -8.54 10.31
N GLU A 19 -21.41 -7.36 10.30
CA GLU A 19 -20.94 -6.25 11.12
C GLU A 19 -21.15 -6.50 12.60
N GLY A 20 -20.12 -6.23 13.40
CA GLY A 20 -20.19 -6.44 14.83
C GLY A 20 -19.80 -7.85 15.22
N ALA A 21 -18.86 -8.43 14.46
CA ALA A 21 -18.42 -9.80 14.70
C ALA A 21 -16.91 -9.87 14.88
N SER A 22 -16.44 -10.95 15.49
CA SER A 22 -15.01 -11.16 15.68
C SER A 22 -14.34 -11.44 14.35
N LEU A 23 -13.08 -11.03 14.23
CA LEU A 23 -12.34 -11.20 12.98
C LEU A 23 -10.93 -11.75 13.21
N GLN A 24 -10.61 -12.82 12.50
CA GLN A 24 -9.24 -13.32 12.44
C GLN A 24 -8.78 -13.53 11.01
N LEU A 25 -7.78 -12.77 10.60
CA LEU A 25 -7.14 -12.95 9.31
C LEU A 25 -5.79 -13.64 9.50
N ARG A 26 -5.63 -14.81 8.87
CA ARG A 26 -4.45 -15.63 9.07
C ARG A 26 -3.30 -15.27 8.14
N CYS A 27 -2.08 -15.54 8.59
CA CYS A 27 -0.88 -15.28 7.82
C CYS A 27 0.29 -16.16 8.27
N LYS A 28 0.84 -16.92 7.34
CA LYS A 28 1.97 -17.79 7.64
C LYS A 28 3.13 -17.50 6.70
N TYR A 29 4.34 -17.49 7.24
CA TYR A 29 5.53 -17.22 6.44
C TYR A 29 6.35 -18.48 6.20
N SER A 30 7.37 -18.38 5.36
CA SER A 30 8.15 -19.54 4.95
C SER A 30 9.63 -19.43 5.34
N TYR A 31 9.97 -18.43 6.14
CA TYR A 31 11.35 -18.26 6.59
C TYR A 31 11.56 -19.01 7.90
N SER A 32 12.62 -19.80 7.97
CA SER A 32 12.96 -20.50 9.20
C SER A 32 13.41 -19.51 10.26
N ALA A 33 14.43 -18.72 9.93
CA ALA A 33 14.87 -17.64 10.79
C ALA A 33 13.76 -16.61 10.87
N THR A 34 13.27 -16.35 12.09
CA THR A 34 12.14 -15.44 12.30
C THR A 34 12.40 -14.05 11.73
N PRO A 35 11.58 -13.65 10.76
CA PRO A 35 11.71 -12.34 10.10
C PRO A 35 10.96 -11.26 10.87
N TYR A 36 11.03 -10.02 10.38
CA TYR A 36 10.25 -8.93 10.93
C TYR A 36 8.84 -9.03 10.35
N LEU A 37 7.84 -8.94 11.22
CA LEU A 37 6.46 -9.17 10.79
C LEU A 37 5.63 -7.90 10.75
N PHE A 38 4.73 -7.79 9.77
CA PHE A 38 3.93 -6.58 9.58
C PHE A 38 2.54 -6.85 9.04
N TRP A 39 1.59 -6.00 9.41
CA TRP A 39 0.26 -5.99 8.80
C TRP A 39 -0.06 -4.60 8.27
N TYR A 40 -0.64 -4.57 7.07
CA TYR A 40 -0.98 -3.33 6.37
C TYR A 40 -2.43 -3.33 5.90
N VAL A 41 -3.00 -2.14 5.74
CA VAL A 41 -4.37 -2.00 5.28
C VAL A 41 -4.44 -1.18 4.00
N GLN A 42 -5.29 -1.61 3.07
CA GLN A 42 -5.57 -0.83 1.87
C GLN A 42 -7.06 -0.60 1.71
N TYR A 43 -7.51 0.58 2.11
CA TYR A 43 -8.88 1.01 1.87
C TYR A 43 -9.00 1.38 0.39
N PRO A 44 -10.20 1.22 -0.19
CA PRO A 44 -10.41 1.45 -1.62
C PRO A 44 -9.95 2.83 -2.10
N ARG A 45 -9.27 2.86 -3.23
CA ARG A 45 -8.74 4.10 -3.83
C ARG A 45 -7.78 4.82 -2.88
N GLN A 46 -6.99 4.05 -2.14
CA GLN A 46 -6.00 4.62 -1.24
C GLN A 46 -4.68 3.86 -1.28
N GLY A 47 -3.65 4.45 -0.68
CA GLY A 47 -2.36 3.78 -0.54
C GLY A 47 -2.41 2.87 0.67
N LEU A 48 -1.34 2.09 0.85
CA LEU A 48 -1.28 1.16 1.97
C LEU A 48 -0.78 1.84 3.23
N GLN A 49 -1.41 1.52 4.36
CA GLN A 49 -1.01 2.08 5.65
C GLN A 49 -0.58 0.95 6.58
N MET A 50 0.52 1.15 7.28
CA MET A 50 0.99 0.18 8.26
C MET A 50 -0.05 0.02 9.37
N LEU A 51 -0.54 -1.21 9.54
CA LEU A 51 -1.47 -1.49 10.62
C LEU A 51 -0.70 -1.80 11.89
N LEU A 52 0.25 -2.74 11.79
CA LEU A 52 1.08 -3.06 12.96
C LEU A 52 2.40 -3.77 12.63
N LYS A 53 3.29 -3.81 13.61
CA LYS A 53 4.65 -4.32 13.42
C LYS A 53 5.09 -5.24 14.56
N TYR A 54 6.10 -6.07 14.27
CA TYR A 54 6.70 -6.93 15.29
C TYR A 54 8.15 -7.27 14.94
N TYR A 55 9.04 -6.89 15.85
CA TYR A 55 10.46 -7.18 15.71
C TYR A 55 10.88 -8.29 16.66
N SER A 56 10.63 -8.07 17.96
CA SER A 56 10.98 -9.04 18.99
C SER A 56 10.27 -8.73 20.30
N GLY A 57 10.28 -9.70 21.21
CA GLY A 57 9.71 -9.51 22.53
C GLY A 57 8.31 -10.07 22.68
N ASP A 58 7.38 -9.24 23.13
CA ASP A 58 6.00 -9.64 23.37
C ASP A 58 5.33 -10.11 22.09
N PRO A 59 4.95 -11.40 22.05
CA PRO A 59 4.33 -12.01 20.86
C PRO A 59 2.98 -11.39 20.51
N VAL A 60 2.30 -10.81 21.50
CA VAL A 60 1.03 -10.13 21.25
C VAL A 60 1.26 -8.65 20.97
N VAL A 61 1.06 -8.25 19.73
CA VAL A 61 1.29 -6.86 19.34
C VAL A 61 0.00 -6.09 19.16
N GLN A 62 -0.11 -4.96 19.87
CA GLN A 62 -1.27 -4.08 19.78
C GLN A 62 -1.09 -3.12 18.62
N GLY A 63 -2.14 -2.95 17.82
CA GLY A 63 -2.11 -2.01 16.72
C GLY A 63 -3.17 -0.94 16.86
N VAL A 64 -3.11 0.07 16.00
CA VAL A 64 -4.08 1.16 16.02
C VAL A 64 -5.45 0.65 15.56
N ASN A 65 -6.51 1.33 15.99
CA ASN A 65 -7.89 0.99 15.63
C ASN A 65 -8.34 -0.37 16.14
N GLY A 66 -7.89 -0.74 17.32
CA GLY A 66 -8.34 -1.97 17.97
C GLY A 66 -7.81 -3.25 17.36
N PHE A 67 -6.83 -3.13 16.48
CA PHE A 67 -6.23 -4.28 15.83
C PHE A 67 -5.12 -4.90 16.66
N GLU A 68 -5.10 -6.23 16.72
CA GLU A 68 -4.02 -6.94 17.38
C GLU A 68 -3.42 -7.99 16.45
N ALA A 69 -2.27 -8.52 16.83
CA ALA A 69 -1.64 -9.58 16.07
C ALA A 69 -0.87 -10.51 16.99
N GLU A 70 -1.17 -11.80 16.91
CA GLU A 70 -0.45 -12.78 17.70
C GLU A 70 0.58 -13.51 16.84
N PHE A 71 1.82 -13.53 17.33
CA PHE A 71 2.92 -14.21 16.66
C PHE A 71 3.17 -15.57 17.30
N SER A 72 3.24 -16.60 16.47
CA SER A 72 3.48 -17.95 16.97
C SER A 72 4.74 -18.54 16.34
N LYS A 73 5.83 -18.52 17.10
CA LYS A 73 7.09 -19.13 16.67
C LYS A 73 6.87 -20.61 16.38
N SER A 74 5.95 -21.21 17.12
CA SER A 74 5.62 -22.62 16.94
C SER A 74 5.07 -22.91 15.55
N ASP A 75 4.02 -22.19 15.16
CA ASP A 75 3.37 -22.42 13.88
C ASP A 75 3.89 -21.51 12.79
N SER A 76 4.90 -20.69 13.12
CA SER A 76 5.40 -19.66 12.22
C SER A 76 4.26 -18.79 11.75
N SER A 77 3.40 -18.42 12.69
CA SER A 77 2.18 -17.67 12.38
C SER A 77 2.24 -16.22 12.83
N PHE A 78 1.37 -15.41 12.25
CA PHE A 78 1.25 -14.01 12.62
C PHE A 78 -0.17 -13.54 12.33
N HIS A 79 -1.10 -13.98 13.16
CA HIS A 79 -2.53 -13.78 12.89
C HIS A 79 -3.07 -12.44 13.38
N LEU A 80 -3.77 -11.76 12.48
CA LEU A 80 -4.41 -10.48 12.78
C LEU A 80 -5.78 -10.72 13.40
N ARG A 81 -6.10 -9.97 14.45
CA ARG A 81 -7.38 -10.15 15.13
C ARG A 81 -8.03 -8.82 15.51
N LYS A 82 -9.37 -8.80 15.45
CA LYS A 82 -10.14 -7.67 15.95
C LYS A 82 -11.42 -8.16 16.62
N ALA A 83 -11.70 -7.61 17.80
CA ALA A 83 -12.85 -8.05 18.60
C ALA A 83 -14.18 -7.87 17.86
N SER A 84 -14.32 -6.72 17.20
CA SER A 84 -15.55 -6.42 16.47
C SER A 84 -15.26 -5.60 15.22
N VAL A 85 -15.94 -5.93 14.13
CA VAL A 85 -15.72 -5.23 12.87
C VAL A 85 -16.88 -4.31 12.51
N HIS A 86 -16.57 -3.23 11.82
CA HIS A 86 -17.59 -2.29 11.36
C HIS A 86 -17.48 -2.13 9.85
N TRP A 87 -18.47 -1.48 9.25
CA TRP A 87 -18.51 -1.31 7.80
C TRP A 87 -17.33 -0.48 7.30
N SER A 88 -16.78 0.35 8.18
CA SER A 88 -15.63 1.18 7.84
C SER A 88 -14.36 0.33 7.72
N ASP A 89 -14.40 -0.88 8.27
CA ASP A 89 -13.25 -1.78 8.21
C ASP A 89 -13.27 -2.65 6.97
N SER A 90 -13.93 -2.18 5.92
CA SER A 90 -13.96 -2.88 4.65
C SER A 90 -12.77 -2.48 3.79
N ALA A 91 -11.78 -3.37 3.69
CA ALA A 91 -10.56 -3.07 2.96
C ALA A 91 -9.81 -4.35 2.58
N VAL A 92 -8.68 -4.19 1.90
CA VAL A 92 -7.82 -5.32 1.58
C VAL A 92 -6.63 -5.36 2.53
N TYR A 93 -6.50 -6.46 3.27
CA TYR A 93 -5.47 -6.55 4.30
C TYR A 93 -4.26 -7.38 3.85
N PHE A 94 -3.08 -6.80 3.99
CA PHE A 94 -1.85 -7.45 3.54
C PHE A 94 -0.95 -7.83 4.70
N CYS A 95 -0.35 -9.02 4.60
CA CYS A 95 0.69 -9.44 5.55
C CYS A 95 2.04 -9.27 4.89
N ALA A 96 2.98 -8.67 5.60
CA ALA A 96 4.29 -8.37 5.03
C ALA A 96 5.44 -8.86 5.91
N VAL A 97 6.51 -9.32 5.27
CA VAL A 97 7.71 -9.74 6.00
C VAL A 97 8.97 -9.16 5.39
N SER A 98 10.04 -9.17 6.18
CA SER A 98 11.36 -8.78 5.71
C SER A 98 12.39 -9.67 6.37
N ALA A 99 13.19 -10.37 5.57
CA ALA A 99 14.19 -11.29 6.09
C ALA A 99 15.26 -10.57 6.90
N LYS A 100 15.88 -11.30 7.83
CA LYS A 100 16.94 -10.74 8.64
C LYS A 100 18.14 -10.36 7.77
N GLY A 101 18.61 -9.13 7.93
CA GLY A 101 19.66 -8.59 7.09
C GLY A 101 19.07 -7.73 6.00
N THR A 102 17.99 -8.23 5.39
CA THR A 102 17.24 -7.46 4.40
C THR A 102 16.02 -6.85 5.07
N GLY A 103 16.25 -6.18 6.20
CA GLY A 103 15.18 -5.65 7.01
C GLY A 103 14.32 -4.60 6.33
N SER A 104 14.92 -3.82 5.44
CA SER A 104 14.18 -2.78 4.73
C SER A 104 13.64 -3.28 3.39
N LYS A 105 13.70 -4.59 3.17
CA LYS A 105 13.14 -5.19 1.97
C LYS A 105 11.88 -5.98 2.31
N LEU A 106 10.72 -5.39 2.06
CA LEU A 106 9.45 -6.02 2.39
C LEU A 106 8.94 -6.97 1.32
N SER A 107 8.06 -7.88 1.72
CA SER A 107 7.41 -8.81 0.81
C SER A 107 5.98 -9.05 1.28
N PHE A 108 5.02 -8.70 0.43
CA PHE A 108 3.61 -8.72 0.79
C PHE A 108 2.91 -9.98 0.30
N GLY A 109 1.84 -10.36 0.99
CA GLY A 109 1.02 -11.49 0.58
C GLY A 109 0.06 -11.09 -0.52
N LYS A 110 -0.78 -12.02 -0.93
CA LYS A 110 -1.77 -11.75 -1.98
C LYS A 110 -2.80 -10.74 -1.50
N GLY A 111 -3.02 -10.71 -0.19
CA GLY A 111 -3.98 -9.79 0.40
C GLY A 111 -5.36 -10.41 0.51
N ALA A 112 -6.04 -10.12 1.61
CA ALA A 112 -7.38 -10.62 1.83
C ALA A 112 -8.39 -9.48 1.76
N LYS A 113 -9.25 -9.53 0.74
CA LYS A 113 -10.30 -8.53 0.61
C LYS A 113 -11.38 -8.79 1.65
N LEU A 114 -11.48 -7.89 2.62
CA LEU A 114 -12.44 -8.03 3.71
C LEU A 114 -13.71 -7.23 3.44
N THR A 115 -14.79 -7.94 3.14
CA THR A 115 -16.10 -7.34 2.98
C THR A 115 -16.94 -7.60 4.22
N VAL A 116 -17.38 -6.52 4.84
CA VAL A 116 -18.19 -6.62 6.05
C VAL A 116 -19.65 -6.27 5.77
N SER A 117 -20.49 -7.28 5.68
CA SER A 117 -21.92 -7.10 5.43
C SER A 117 -22.59 -6.42 6.62
N PRO A 118 -23.07 -5.19 6.41
CA PRO A 118 -23.70 -4.42 7.49
C PRO A 118 -25.10 -4.96 7.80
N ASN A 119 -25.53 -4.81 9.05
CA ASN A 119 -26.85 -5.27 9.45
C ASN A 119 -27.91 -4.21 9.15
N ILE A 120 -29.07 -4.66 8.67
CA ILE A 120 -30.17 -3.76 8.36
C ILE A 120 -31.42 -4.12 9.17
N GLN A 121 -31.86 -3.19 10.01
CA GLN A 121 -32.96 -3.42 10.94
C GLN A 121 -34.30 -3.64 10.24
N ASN A 122 -34.53 -2.91 9.14
CA ASN A 122 -35.81 -3.00 8.44
C ASN A 122 -35.64 -3.25 6.95
N PRO A 123 -35.48 -4.52 6.56
CA PRO A 123 -35.35 -4.89 5.15
C PRO A 123 -36.68 -4.87 4.42
N ASP A 124 -36.73 -4.16 3.29
CA ASP A 124 -37.91 -4.12 2.46
C ASP A 124 -37.49 -4.14 1.00
N PRO A 125 -37.10 -5.32 0.50
CA PRO A 125 -36.58 -5.48 -0.87
C PRO A 125 -37.59 -5.01 -1.91
N ALA A 126 -37.10 -4.50 -3.04
CA ALA A 126 -37.98 -4.01 -4.10
C ALA A 126 -37.26 -3.87 -5.44
N VAL A 127 -38.04 -3.94 -6.51
CA VAL A 127 -37.52 -3.79 -7.86
C VAL A 127 -38.27 -2.69 -8.59
N TYR A 128 -37.56 -1.60 -8.91
CA TYR A 128 -38.17 -0.47 -9.59
C TYR A 128 -37.65 -0.29 -11.00
N GLN A 129 -38.35 0.52 -11.79
CA GLN A 129 -37.89 0.88 -13.13
C GLN A 129 -37.56 2.36 -13.21
N LEU A 130 -36.35 2.67 -13.63
CA LEU A 130 -35.89 4.05 -13.77
C LEU A 130 -35.83 4.46 -15.23
N ARG A 131 -36.46 5.60 -15.55
CA ARG A 131 -36.45 6.14 -16.89
C ARG A 131 -35.35 7.18 -17.04
N ASP A 132 -34.77 7.26 -18.24
CA ASP A 132 -33.69 8.19 -18.51
C ASP A 132 -34.17 9.64 -18.46
N SER A 133 -33.28 10.54 -18.08
CA SER A 133 -33.60 11.97 -18.03
C SER A 133 -33.98 12.49 -19.40
N LYS A 134 -33.06 12.33 -20.36
CA LYS A 134 -33.32 12.72 -21.74
C LYS A 134 -33.64 11.49 -22.57
N SER A 135 -34.43 11.67 -23.62
CA SER A 135 -34.87 10.58 -24.49
C SER A 135 -35.49 9.44 -23.71
N SER A 136 -36.77 9.58 -23.37
CA SER A 136 -37.48 8.58 -22.58
C SER A 136 -37.55 7.23 -23.27
N ASP A 137 -38.14 6.25 -22.57
CA ASP A 137 -38.22 4.85 -23.01
C ASP A 137 -36.88 4.11 -22.95
N LYS A 138 -35.89 4.76 -22.33
CA LYS A 138 -34.63 4.07 -21.99
C LYS A 138 -34.70 3.64 -20.53
N SER A 139 -35.01 2.36 -20.31
CA SER A 139 -35.29 1.87 -18.97
C SER A 139 -34.11 1.18 -18.30
N VAL A 140 -34.07 1.26 -16.97
CA VAL A 140 -33.07 0.54 -16.18
C VAL A 140 -33.72 -0.02 -14.91
N CYS A 141 -33.64 -1.34 -14.76
CA CYS A 141 -34.24 -2.00 -13.59
C CYS A 141 -33.30 -1.98 -12.39
N LEU A 142 -33.86 -1.70 -11.22
CA LEU A 142 -33.07 -1.57 -9.99
C LEU A 142 -33.60 -2.44 -8.86
N PHE A 143 -32.72 -3.25 -8.29
CA PHE A 143 -33.03 -4.06 -7.12
C PHE A 143 -32.43 -3.37 -5.90
N THR A 144 -33.24 -3.11 -4.88
CA THR A 144 -32.73 -2.39 -3.71
C THR A 144 -33.46 -2.70 -2.40
N ASP A 145 -32.84 -2.28 -1.30
CA ASP A 145 -33.38 -2.46 0.04
C ASP A 145 -33.56 -3.92 0.45
N PHE A 146 -32.89 -4.83 -0.25
CA PHE A 146 -32.89 -6.24 0.12
C PHE A 146 -31.83 -6.48 1.20
N ASP A 147 -31.58 -7.74 1.53
CA ASP A 147 -30.66 -8.04 2.62
C ASP A 147 -29.31 -8.54 2.11
N SER A 148 -28.30 -8.50 2.98
CA SER A 148 -26.95 -8.92 2.61
C SER A 148 -26.83 -10.43 2.55
N GLN A 149 -27.89 -11.14 2.96
CA GLN A 149 -27.88 -12.60 2.96
C GLN A 149 -28.20 -13.17 1.58
N THR A 150 -29.00 -12.44 0.80
CA THR A 150 -29.39 -12.91 -0.52
C THR A 150 -28.36 -12.50 -1.58
N ASN A 151 -27.89 -13.49 -2.33
CA ASN A 151 -26.84 -13.26 -3.32
C ASN A 151 -27.37 -12.67 -4.62
N VAL A 152 -26.60 -11.75 -5.20
CA VAL A 152 -26.92 -11.19 -6.50
C VAL A 152 -26.14 -11.96 -7.56
N SER A 153 -26.86 -12.57 -8.49
CA SER A 153 -26.24 -13.43 -9.50
C SER A 153 -25.80 -12.67 -10.75
N GLN A 154 -24.76 -13.17 -11.40
CA GLN A 154 -24.26 -12.57 -12.63
C GLN A 154 -25.27 -12.70 -13.77
N SER A 155 -24.98 -12.04 -14.88
CA SER A 155 -25.82 -12.11 -16.06
C SER A 155 -25.60 -13.42 -16.81
N LYS A 156 -26.69 -14.12 -17.10
CA LYS A 156 -26.60 -15.37 -17.85
C LYS A 156 -26.62 -15.08 -19.35
N ASP A 157 -27.19 -13.93 -19.71
CA ASP A 157 -27.14 -13.44 -21.07
C ASP A 157 -26.14 -12.31 -21.15
N SER A 158 -25.18 -12.42 -22.07
CA SER A 158 -24.11 -11.44 -22.20
C SER A 158 -24.68 -10.08 -22.55
N ASP A 159 -25.76 -10.08 -23.33
CA ASP A 159 -26.36 -8.85 -23.81
C ASP A 159 -26.99 -8.04 -22.68
N VAL A 160 -27.61 -8.72 -21.73
CA VAL A 160 -28.14 -8.05 -20.56
C VAL A 160 -27.04 -7.92 -19.50
N TYR A 161 -27.05 -6.80 -18.76
CA TYR A 161 -25.96 -6.51 -17.84
C TYR A 161 -26.45 -6.32 -16.42
N ILE A 162 -25.90 -7.11 -15.50
CA ILE A 162 -26.24 -7.00 -14.08
C ILE A 162 -24.99 -6.75 -13.24
N THR A 163 -25.06 -5.75 -12.37
CA THR A 163 -23.94 -5.42 -11.50
C THR A 163 -24.04 -6.17 -10.18
N ASP A 164 -22.90 -6.36 -9.52
CA ASP A 164 -22.88 -6.98 -8.20
C ASP A 164 -23.41 -5.99 -7.16
N LYS A 165 -23.81 -6.50 -6.00
CA LYS A 165 -24.44 -5.67 -4.98
C LYS A 165 -23.52 -4.55 -4.50
N CYS A 166 -24.11 -3.48 -3.97
CA CYS A 166 -23.35 -2.33 -3.52
C CYS A 166 -24.03 -1.65 -2.34
N VAL A 167 -23.28 -1.41 -1.28
CA VAL A 167 -23.81 -0.78 -0.07
C VAL A 167 -23.54 0.72 -0.04
N LEU A 168 -24.59 1.53 -0.07
CA LEU A 168 -24.46 2.97 0.07
C LEU A 168 -24.86 3.42 1.47
N ASP A 169 -24.33 4.57 1.89
CA ASP A 169 -24.54 5.09 3.23
C ASP A 169 -25.03 6.53 3.21
N MET A 170 -26.21 6.74 3.77
CA MET A 170 -26.72 8.09 4.02
C MET A 170 -26.36 8.47 5.45
N ARG A 171 -25.23 9.17 5.61
CA ARG A 171 -24.70 9.48 6.93
C ARG A 171 -25.70 10.19 7.84
N SER A 172 -26.52 11.05 7.23
CA SER A 172 -27.47 11.86 7.99
C SER A 172 -28.56 11.02 8.68
N MET A 173 -29.11 10.06 7.95
CA MET A 173 -30.22 9.26 8.46
C MET A 173 -29.77 7.96 9.13
N ASP A 174 -28.45 7.75 9.16
CA ASP A 174 -27.87 6.50 9.65
C ASP A 174 -28.52 5.31 8.95
N PHE A 175 -28.52 5.35 7.63
CA PHE A 175 -29.18 4.29 6.85
C PHE A 175 -28.29 3.80 5.71
N LYS A 176 -28.02 2.51 5.72
CA LYS A 176 -27.23 1.90 4.65
C LYS A 176 -28.12 0.96 3.86
N SER A 177 -27.91 0.93 2.54
CA SER A 177 -28.73 0.05 1.70
C SER A 177 -27.92 -0.63 0.59
N ASN A 178 -28.18 -1.91 0.37
CA ASN A 178 -27.57 -2.62 -0.75
C ASN A 178 -28.37 -2.38 -2.03
N SER A 179 -27.72 -2.55 -3.17
CA SER A 179 -28.37 -2.27 -4.45
C SER A 179 -27.66 -2.91 -5.63
N ALA A 180 -28.45 -3.45 -6.55
CA ALA A 180 -27.93 -4.04 -7.78
C ALA A 180 -28.67 -3.43 -8.97
N VAL A 181 -27.94 -3.20 -10.06
CA VAL A 181 -28.52 -2.56 -11.24
C VAL A 181 -28.48 -3.46 -12.47
N ALA A 182 -29.62 -3.60 -13.13
CA ALA A 182 -29.71 -4.41 -14.35
C ALA A 182 -30.30 -3.59 -15.50
N TRP A 183 -29.81 -3.84 -16.72
CA TRP A 183 -30.33 -3.14 -17.89
C TRP A 183 -30.05 -3.91 -19.17
N SER A 184 -30.79 -3.58 -20.22
CA SER A 184 -30.61 -4.20 -21.53
C SER A 184 -31.08 -3.28 -22.64
N ASN A 185 -30.42 -3.34 -23.79
CA ASN A 185 -30.76 -2.48 -24.92
C ASN A 185 -31.61 -3.23 -25.95
N LYS A 186 -32.05 -4.43 -25.61
CA LYS A 186 -32.86 -5.23 -26.51
C LYS A 186 -34.32 -4.78 -26.49
N SER A 187 -35.13 -5.41 -27.33
CA SER A 187 -36.53 -5.02 -27.48
C SER A 187 -37.43 -5.58 -26.37
N ASP A 188 -37.02 -6.70 -25.78
CA ASP A 188 -37.82 -7.35 -24.76
C ASP A 188 -37.07 -7.51 -23.43
N PHE A 189 -37.38 -6.65 -22.46
CA PHE A 189 -36.70 -6.67 -21.18
C PHE A 189 -37.54 -5.98 -20.11
N ALA A 190 -37.91 -6.70 -19.06
CA ALA A 190 -38.76 -6.17 -18.01
C ALA A 190 -38.16 -6.32 -16.62
N CYS A 191 -38.94 -5.96 -15.60
CA CYS A 191 -38.47 -5.99 -14.21
C CYS A 191 -38.41 -7.41 -13.67
N ALA A 192 -39.56 -8.08 -13.63
CA ALA A 192 -39.62 -9.47 -13.18
C ALA A 192 -38.92 -10.39 -14.18
N ASN A 193 -38.66 -9.85 -15.38
CA ASN A 193 -37.96 -10.59 -16.42
C ASN A 193 -36.51 -10.83 -16.02
N ALA A 194 -35.90 -9.81 -15.41
CA ALA A 194 -34.53 -9.91 -14.94
C ALA A 194 -34.48 -10.07 -13.43
N PHE A 195 -33.26 -10.07 -12.88
CA PHE A 195 -33.07 -10.23 -11.44
C PHE A 195 -33.69 -11.51 -10.89
N ASN A 196 -33.89 -12.50 -11.76
CA ASN A 196 -34.66 -13.69 -11.41
C ASN A 196 -34.01 -14.60 -10.35
N ASN A 197 -32.70 -14.78 -10.45
CA ASN A 197 -31.99 -15.76 -9.63
C ASN A 197 -32.03 -15.51 -8.12
N SER A 198 -32.55 -16.48 -7.39
CA SER A 198 -32.46 -16.51 -5.93
C SER A 198 -32.96 -15.23 -5.25
N ILE A 199 -34.09 -14.72 -5.69
CA ILE A 199 -34.65 -13.51 -5.09
C ILE A 199 -35.98 -13.73 -4.36
N ILE A 200 -36.23 -12.89 -3.35
CA ILE A 200 -37.40 -13.00 -2.49
C ILE A 200 -38.69 -12.65 -3.25
N PRO A 201 -39.76 -13.42 -2.99
CA PRO A 201 -41.07 -13.12 -3.59
C PRO A 201 -41.84 -12.04 -2.83
N GLU A 202 -41.17 -11.32 -1.94
CA GLU A 202 -41.85 -10.33 -1.10
C GLU A 202 -41.55 -8.90 -1.52
N ASP A 203 -40.85 -8.73 -2.64
CA ASP A 203 -40.47 -7.39 -3.11
C ASP A 203 -41.56 -6.69 -3.89
N THR A 204 -41.53 -5.36 -3.85
CA THR A 204 -42.54 -4.53 -4.51
C THR A 204 -42.24 -4.38 -6.00
N PHE A 205 -43.27 -4.51 -6.83
CA PHE A 205 -43.13 -4.32 -8.28
C PHE A 205 -44.10 -3.24 -8.78
N ALA B 5 4.41 13.94 3.84
CA ALA B 5 3.65 13.00 3.01
C ALA B 5 4.45 12.54 1.80
N VAL B 6 3.89 11.61 1.04
CA VAL B 6 4.55 11.09 -0.15
C VAL B 6 3.68 11.30 -1.39
N THR B 7 4.21 12.06 -2.35
CA THR B 7 3.46 12.39 -3.56
C THR B 7 4.06 11.73 -4.79
N GLN B 8 3.25 11.00 -5.54
CA GLN B 8 3.71 10.40 -6.79
C GLN B 8 2.94 10.93 -7.99
N SER B 9 3.60 10.94 -9.16
CA SER B 9 3.00 11.50 -10.36
C SER B 9 3.34 10.69 -11.61
N PRO B 10 2.38 10.56 -12.53
CA PRO B 10 1.03 11.09 -12.44
C PRO B 10 0.07 10.11 -11.74
N ARG B 11 -1.13 10.57 -11.45
CA ARG B 11 -2.14 9.72 -10.83
C ARG B 11 -2.63 8.67 -11.81
N ASN B 12 -2.78 9.07 -13.07
CA ASN B 12 -3.29 8.18 -14.10
C ASN B 12 -2.59 8.39 -15.44
N LYS B 13 -2.34 7.31 -16.17
CA LYS B 13 -1.68 7.42 -17.47
C LYS B 13 -2.03 6.28 -18.44
N VAL B 14 -2.25 6.65 -19.69
CA VAL B 14 -2.54 5.70 -20.75
C VAL B 14 -1.51 5.84 -21.86
N THR B 15 -0.88 4.74 -22.24
CA THR B 15 0.14 4.78 -23.29
C THR B 15 0.01 3.62 -24.27
N VAL B 16 0.87 3.61 -25.27
CA VAL B 16 0.89 2.55 -26.27
C VAL B 16 2.16 1.71 -26.10
N THR B 17 2.18 0.53 -26.69
CA THR B 17 3.33 -0.36 -26.62
C THR B 17 4.56 0.29 -27.26
N GLY B 18 5.68 0.28 -26.52
CA GLY B 18 6.91 0.86 -27.00
C GLY B 18 7.08 2.31 -26.57
N GLY B 19 6.03 2.86 -25.94
CA GLY B 19 6.05 4.23 -25.48
C GLY B 19 6.97 4.43 -24.29
N ASN B 20 7.31 5.68 -24.00
CA ASN B 20 8.18 6.01 -22.89
C ASN B 20 7.40 6.56 -21.71
N VAL B 21 7.59 5.96 -20.53
CA VAL B 21 6.91 6.39 -19.33
C VAL B 21 7.93 6.70 -18.23
N THR B 22 7.62 7.66 -17.36
CA THR B 22 8.49 7.96 -16.22
C THR B 22 7.66 8.37 -15.02
N LEU B 23 7.70 7.56 -13.96
CA LEU B 23 6.94 7.84 -12.75
C LEU B 23 7.78 8.56 -11.71
N SER B 24 7.25 9.67 -11.20
CA SER B 24 7.96 10.50 -10.24
C SER B 24 7.47 10.24 -8.81
N CYS B 25 8.40 10.30 -7.86
CA CYS B 25 8.08 10.10 -6.45
C CYS B 25 8.85 11.08 -5.59
N ARG B 26 8.13 11.99 -4.93
CA ARG B 26 8.74 13.01 -4.08
C ARG B 26 8.22 12.95 -2.65
N GLN B 27 9.14 13.03 -1.69
CA GLN B 27 8.79 13.06 -0.28
C GLN B 27 9.18 14.40 0.34
N THR B 28 8.42 14.83 1.34
CA THR B 28 8.62 16.15 1.93
C THR B 28 9.35 16.11 3.27
N ASN B 29 9.69 14.92 3.74
CA ASN B 29 10.27 14.77 5.07
C ASN B 29 11.65 14.10 5.12
N SER B 30 12.29 13.96 3.96
CA SER B 30 13.66 13.47 3.86
C SER B 30 13.93 12.10 4.46
N HIS B 31 13.02 11.15 4.26
CA HIS B 31 13.30 9.77 4.60
C HIS B 31 14.32 9.24 3.60
N ASN B 32 15.03 8.17 3.94
CA ASN B 32 16.09 7.68 3.07
C ASN B 32 15.67 6.56 2.12
N TYR B 33 15.18 5.46 2.68
CA TYR B 33 14.70 4.35 1.86
C TYR B 33 13.48 4.74 1.03
N MET B 34 13.53 4.46 -0.27
CA MET B 34 12.38 4.71 -1.13
C MET B 34 12.05 3.49 -2.00
N TYR B 35 10.77 3.27 -2.26
CA TYR B 35 10.32 2.05 -2.91
C TYR B 35 9.44 2.29 -4.13
N TRP B 36 9.47 1.34 -5.06
CA TRP B 36 8.55 1.29 -6.19
C TRP B 36 7.96 -0.11 -6.32
N TYR B 37 6.65 -0.18 -6.09
CA TYR B 37 5.86 -1.42 -6.10
C TYR B 37 4.79 -1.36 -7.19
N ARG B 38 4.25 -2.52 -7.53
CA ARG B 38 3.06 -2.62 -8.38
C ARG B 38 2.09 -3.66 -7.83
N GLN B 39 0.80 -3.31 -7.80
CA GLN B 39 -0.22 -4.20 -7.25
C GLN B 39 -1.06 -4.85 -8.35
N ASP B 40 -1.04 -6.17 -8.40
CA ASP B 40 -1.79 -6.92 -9.41
C ASP B 40 -2.76 -7.92 -8.78
N THR B 41 -3.65 -8.46 -9.61
CA THR B 41 -4.65 -9.42 -9.13
C THR B 41 -4.05 -10.80 -8.91
N GLY B 42 -4.28 -11.36 -7.72
CA GLY B 42 -3.81 -12.69 -7.39
C GLY B 42 -2.31 -12.74 -7.11
N HIS B 43 -1.67 -11.57 -7.20
CA HIS B 43 -0.24 -11.47 -6.92
C HIS B 43 0.01 -10.46 -5.81
N GLY B 44 -1.08 -9.92 -5.25
CA GLY B 44 -0.99 -8.87 -4.26
C GLY B 44 -0.24 -7.70 -4.85
N LEU B 45 0.87 -7.34 -4.23
CA LEU B 45 1.80 -6.38 -4.84
C LEU B 45 3.23 -6.91 -4.78
N ARG B 46 4.04 -6.50 -5.75
CA ARG B 46 5.42 -6.98 -5.84
C ARG B 46 6.41 -5.84 -5.96
N LEU B 47 7.58 -6.02 -5.37
CA LEU B 47 8.61 -4.98 -5.34
C LEU B 47 9.34 -4.85 -6.67
N ILE B 48 9.11 -3.75 -7.37
CA ILE B 48 9.83 -3.47 -8.60
C ILE B 48 11.25 -3.03 -8.26
N HIS B 49 11.38 -1.89 -7.61
CA HIS B 49 12.71 -1.37 -7.28
C HIS B 49 12.75 -0.71 -5.91
N TYR B 50 13.95 -0.46 -5.40
CA TYR B 50 14.09 0.31 -4.16
C TYR B 50 15.50 0.87 -3.99
N SER B 51 15.60 1.93 -3.18
CA SER B 51 16.87 2.65 -3.02
C SER B 51 17.12 3.00 -1.56
N TYR B 52 18.38 2.84 -1.13
CA TYR B 52 18.79 3.13 0.23
C TYR B 52 19.59 4.42 0.33
N GLY B 53 19.18 5.43 -0.44
CA GLY B 53 19.86 6.71 -0.43
C GLY B 53 20.01 7.30 -1.81
N ALA B 54 20.42 8.56 -1.88
CA ALA B 54 20.58 9.26 -3.16
C ALA B 54 21.69 8.66 -4.01
N GLY B 55 21.42 8.51 -5.30
CA GLY B 55 22.41 8.03 -6.24
C GLY B 55 22.62 6.52 -6.22
N ASN B 56 21.69 5.80 -5.60
CA ASN B 56 21.80 4.35 -5.49
C ASN B 56 20.52 3.61 -5.87
N LEU B 57 20.66 2.36 -6.28
CA LEU B 57 19.53 1.53 -6.65
C LEU B 57 19.65 0.14 -6.01
N GLN B 58 18.55 -0.63 -6.09
CA GLN B 58 18.56 -2.02 -5.63
C GLN B 58 17.41 -2.81 -6.25
N ILE B 59 17.72 -3.98 -6.79
CA ILE B 59 16.76 -4.80 -7.52
C ILE B 59 15.75 -5.49 -6.59
N GLY B 60 14.48 -5.41 -6.95
CA GLY B 60 13.42 -6.06 -6.20
C GLY B 60 13.11 -7.46 -6.71
N ASP B 61 11.84 -7.82 -6.73
CA ASP B 61 11.42 -9.15 -7.16
C ASP B 61 11.14 -9.21 -8.66
N VAL B 62 10.60 -8.12 -9.21
CA VAL B 62 10.35 -8.04 -10.65
C VAL B 62 10.98 -6.78 -11.22
N PRO B 63 12.24 -6.88 -11.66
CA PRO B 63 12.97 -5.73 -12.22
C PRO B 63 12.86 -5.65 -13.74
N ASP B 64 12.45 -6.74 -14.38
CA ASP B 64 12.42 -6.82 -15.83
C ASP B 64 11.45 -5.83 -16.47
N GLY B 65 11.97 -5.01 -17.38
CA GLY B 65 11.16 -4.02 -18.07
C GLY B 65 11.27 -2.65 -17.44
N TYR B 66 11.61 -2.61 -16.16
CA TYR B 66 11.64 -1.36 -15.42
C TYR B 66 13.05 -0.98 -14.96
N LYS B 67 13.49 0.21 -15.35
CA LYS B 67 14.73 0.78 -14.83
C LYS B 67 14.37 1.92 -13.89
N ALA B 68 15.23 2.19 -12.91
CA ALA B 68 14.96 3.24 -11.94
C ALA B 68 16.12 4.24 -11.84
N THR B 69 15.87 5.35 -11.16
CA THR B 69 16.88 6.38 -10.99
C THR B 69 16.64 7.20 -9.71
N ARG B 70 17.64 7.24 -8.85
CA ARG B 70 17.57 8.03 -7.62
C ARG B 70 18.51 9.23 -7.74
N THR B 71 17.96 10.39 -8.06
CA THR B 71 18.77 11.58 -8.24
C THR B 71 19.12 12.25 -6.91
N THR B 72 18.10 12.42 -6.07
CA THR B 72 18.30 13.01 -4.74
C THR B 72 17.68 12.13 -3.67
N GLN B 73 17.82 12.55 -2.42
CA GLN B 73 17.27 11.80 -1.29
C GLN B 73 15.74 11.82 -1.32
N GLU B 74 15.18 12.87 -1.89
CA GLU B 74 13.73 13.06 -1.88
C GLU B 74 13.07 12.84 -3.24
N ASP B 75 13.87 12.51 -4.26
CA ASP B 75 13.32 12.27 -5.60
C ASP B 75 13.70 10.90 -6.14
N PHE B 76 12.69 10.04 -6.30
CA PHE B 76 12.89 8.70 -6.83
C PHE B 76 12.07 8.52 -8.11
N PHE B 77 12.71 8.05 -9.17
CA PHE B 77 12.03 7.89 -10.45
C PHE B 77 12.02 6.44 -10.93
N LEU B 78 10.89 6.01 -11.47
CA LEU B 78 10.80 4.69 -12.08
C LEU B 78 10.57 4.84 -13.59
N LEU B 79 11.57 4.48 -14.38
CA LEU B 79 11.51 4.66 -15.81
C LEU B 79 11.03 3.41 -16.52
N LEU B 80 10.33 3.61 -17.64
CA LEU B 80 9.77 2.54 -18.44
C LEU B 80 10.02 2.82 -19.92
N GLU B 81 11.10 2.26 -20.44
CA GLU B 81 11.54 2.53 -21.81
C GLU B 81 10.70 1.84 -22.88
N LEU B 82 10.55 0.52 -22.75
CA LEU B 82 9.76 -0.26 -23.70
C LEU B 82 8.45 -0.71 -23.07
N ALA B 83 7.35 -0.08 -23.49
CA ALA B 83 6.04 -0.35 -22.89
C ALA B 83 5.40 -1.61 -23.44
N SER B 84 4.79 -2.39 -22.55
CA SER B 84 4.07 -3.61 -22.91
C SER B 84 2.82 -3.73 -22.05
N PRO B 85 1.76 -4.33 -22.59
CA PRO B 85 0.47 -4.42 -21.87
C PRO B 85 0.56 -5.25 -20.59
N SER B 86 1.65 -6.02 -20.46
CA SER B 86 1.90 -6.77 -19.24
C SER B 86 2.32 -5.85 -18.11
N GLN B 87 2.57 -4.58 -18.46
CA GLN B 87 2.99 -3.59 -17.48
C GLN B 87 1.84 -2.64 -17.14
N THR B 88 0.66 -2.95 -17.66
CA THR B 88 -0.56 -2.25 -17.28
C THR B 88 -0.89 -2.64 -15.84
N SER B 89 -0.67 -1.70 -14.91
CA SER B 89 -0.85 -2.00 -13.49
C SER B 89 -0.95 -0.74 -12.64
N LEU B 90 -1.16 -0.94 -11.34
CA LEU B 90 -1.25 0.15 -10.39
C LEU B 90 0.05 0.25 -9.60
N TYR B 91 0.76 1.37 -9.76
CA TYR B 91 2.09 1.52 -9.17
C TYR B 91 2.07 2.39 -7.92
N PHE B 92 2.65 1.88 -6.83
CA PHE B 92 2.75 2.64 -5.60
C PHE B 92 4.20 2.95 -5.28
N CYS B 93 4.48 4.16 -4.82
CA CYS B 93 5.82 4.46 -4.34
C CYS B 93 5.81 4.61 -2.83
N ALA B 94 6.91 4.27 -2.17
CA ALA B 94 6.96 4.30 -0.71
C ALA B 94 8.21 4.97 -0.16
N SER B 95 8.18 5.24 1.14
CA SER B 95 9.33 5.83 1.83
C SER B 95 9.40 5.23 3.23
N SER B 96 10.57 5.31 3.86
CA SER B 96 10.74 4.73 5.19
C SER B 96 11.96 5.26 5.93
N ASP B 97 11.77 5.59 7.20
CA ASP B 97 12.87 5.91 8.09
C ASP B 97 13.03 4.74 9.06
N ALA B 98 12.48 3.60 8.68
CA ALA B 98 12.44 2.42 9.54
C ALA B 98 12.20 1.17 8.71
N PRO B 99 13.07 0.16 8.87
CA PRO B 99 12.95 -1.12 8.16
C PRO B 99 11.59 -1.78 8.38
N GLY B 100 10.79 -1.81 7.32
CA GLY B 100 9.48 -2.43 7.37
C GLY B 100 8.34 -1.45 7.57
N GLN B 101 8.67 -0.24 8.03
CA GLN B 101 7.67 0.80 8.24
C GLN B 101 7.62 1.76 7.07
N LEU B 102 6.69 1.51 6.14
CA LEU B 102 6.63 2.25 4.89
C LEU B 102 5.49 3.27 4.84
N TYR B 103 5.73 4.35 4.09
CA TYR B 103 4.72 5.38 3.86
C TYR B 103 4.35 5.39 2.39
N PHE B 104 3.19 4.83 2.05
CA PHE B 104 2.81 4.65 0.64
C PHE B 104 2.27 5.91 -0.01
N GLY B 105 2.43 5.99 -1.32
CA GLY B 105 1.95 7.12 -2.10
C GLY B 105 0.48 7.02 -2.41
N GLU B 106 0.00 7.92 -3.25
CA GLU B 106 -1.41 8.01 -3.60
C GLU B 106 -1.83 6.90 -4.58
N GLY B 107 -0.91 6.56 -5.49
CA GLY B 107 -1.16 5.53 -6.47
C GLY B 107 -1.01 6.06 -7.89
N SER B 108 -0.64 5.18 -8.81
CA SER B 108 -0.46 5.56 -10.21
C SER B 108 -0.96 4.47 -11.13
N LYS B 109 -2.20 4.60 -11.59
CA LYS B 109 -2.77 3.64 -12.52
C LYS B 109 -2.22 3.88 -13.93
N LEU B 110 -1.66 2.83 -14.52
CA LEU B 110 -1.11 2.92 -15.87
C LEU B 110 -1.69 1.82 -16.74
N THR B 111 -2.12 2.17 -17.95
CA THR B 111 -2.55 1.16 -18.91
C THR B 111 -1.79 1.25 -20.23
N VAL B 112 -1.20 0.13 -20.63
CA VAL B 112 -0.44 0.06 -21.87
C VAL B 112 -1.24 -0.69 -22.93
N LEU B 113 -1.32 -0.09 -24.11
CA LEU B 113 -2.13 -0.64 -25.18
C LEU B 113 -1.29 -1.07 -26.38
N GLU B 114 -1.69 -2.17 -27.01
CA GLU B 114 -1.05 -2.64 -28.21
C GLU B 114 -1.72 -1.98 -29.40
N ASP B 115 -2.86 -1.35 -29.12
CA ASP B 115 -3.73 -0.84 -30.17
C ASP B 115 -4.47 0.41 -29.69
N LEU B 116 -4.81 1.28 -30.64
CA LEU B 116 -5.49 2.54 -30.30
C LEU B 116 -6.92 2.59 -30.84
N LYS B 117 -7.18 1.85 -31.92
CA LYS B 117 -8.50 1.87 -32.55
C LYS B 117 -9.55 1.12 -31.73
N ASN B 118 -9.14 0.59 -30.58
CA ASN B 118 -10.08 -0.05 -29.65
C ASN B 118 -10.39 0.86 -28.46
N VAL B 119 -9.86 2.09 -28.51
CA VAL B 119 -10.10 3.06 -27.45
C VAL B 119 -11.39 3.82 -27.68
N PHE B 120 -12.32 3.72 -26.72
CA PHE B 120 -13.61 4.38 -26.82
C PHE B 120 -13.92 5.20 -25.57
N PRO B 121 -14.43 6.43 -25.76
CA PRO B 121 -14.89 7.26 -24.65
C PRO B 121 -16.21 6.72 -24.10
N PRO B 122 -16.44 6.89 -22.79
CA PRO B 122 -17.66 6.37 -22.17
C PRO B 122 -18.88 7.20 -22.54
N GLU B 123 -20.03 6.53 -22.64
CA GLU B 123 -21.30 7.21 -22.86
C GLU B 123 -22.07 7.21 -21.54
N VAL B 124 -22.29 8.39 -20.99
CA VAL B 124 -22.82 8.55 -19.64
C VAL B 124 -24.28 8.97 -19.62
N ALA B 125 -25.07 8.34 -18.77
CA ALA B 125 -26.49 8.65 -18.66
C ALA B 125 -26.97 8.67 -17.21
N VAL B 126 -27.94 9.54 -16.91
CA VAL B 126 -28.55 9.61 -15.60
C VAL B 126 -30.00 9.14 -15.65
N PHE B 127 -30.34 8.19 -14.79
CA PHE B 127 -31.71 7.68 -14.72
C PHE B 127 -32.39 8.17 -13.45
N GLU B 128 -33.51 8.85 -13.65
CA GLU B 128 -34.24 9.54 -12.58
C GLU B 128 -35.02 8.57 -11.69
N PRO B 129 -35.13 8.91 -10.39
CA PRO B 129 -35.80 8.09 -9.37
C PRO B 129 -37.19 7.62 -9.77
N SER B 130 -37.45 6.33 -9.58
CA SER B 130 -38.77 5.77 -9.84
C SER B 130 -39.75 6.28 -8.80
N GLU B 131 -40.92 6.72 -9.25
CA GLU B 131 -41.93 7.28 -8.37
C GLU B 131 -42.44 6.28 -7.34
N ALA B 132 -42.37 4.99 -7.69
CA ALA B 132 -42.76 3.92 -6.79
C ALA B 132 -41.87 3.92 -5.56
N GLU B 133 -40.57 4.02 -5.77
CA GLU B 133 -39.60 4.06 -4.68
C GLU B 133 -39.76 5.31 -3.85
N ILE B 134 -40.16 6.40 -4.51
CA ILE B 134 -40.37 7.67 -3.83
C ILE B 134 -41.57 7.59 -2.88
N SER B 135 -42.67 7.02 -3.36
CA SER B 135 -43.87 6.90 -2.54
C SER B 135 -43.70 5.86 -1.44
N HIS B 136 -43.04 4.76 -1.77
CA HIS B 136 -42.92 3.63 -0.85
C HIS B 136 -41.87 3.86 0.23
N THR B 137 -40.70 4.35 -0.16
CA THR B 137 -39.57 4.43 0.76
C THR B 137 -39.25 5.85 1.23
N GLN B 138 -40.00 6.83 0.73
CA GLN B 138 -39.77 8.24 1.02
C GLN B 138 -38.34 8.63 0.62
N LYS B 139 -37.84 8.00 -0.44
CA LYS B 139 -36.47 8.22 -0.89
C LYS B 139 -36.39 8.27 -2.42
N ALA B 140 -35.35 8.90 -2.93
CA ALA B 140 -35.14 9.00 -4.36
C ALA B 140 -33.78 8.44 -4.75
N THR B 141 -33.74 7.67 -5.81
CA THR B 141 -32.50 7.02 -6.24
C THR B 141 -32.16 7.32 -7.70
N LEU B 142 -31.09 8.09 -7.91
CA LEU B 142 -30.61 8.38 -9.25
C LEU B 142 -29.53 7.38 -9.64
N VAL B 143 -29.48 7.00 -10.91
CA VAL B 143 -28.48 6.05 -11.36
C VAL B 143 -27.63 6.55 -12.52
N CYS B 144 -26.34 6.76 -12.27
CA CYS B 144 -25.38 7.09 -13.32
C CYS B 144 -24.90 5.82 -14.00
N LEU B 145 -24.70 5.89 -15.31
CA LEU B 145 -24.33 4.73 -16.09
C LEU B 145 -23.38 5.10 -17.22
N ALA B 146 -22.15 4.61 -17.14
CA ALA B 146 -21.15 4.85 -18.18
C ALA B 146 -20.91 3.58 -18.99
N THR B 147 -21.16 3.64 -20.29
CA THR B 147 -21.07 2.45 -21.13
C THR B 147 -20.06 2.57 -22.26
N GLY B 148 -19.70 1.41 -22.83
CA GLY B 148 -18.90 1.33 -24.03
C GLY B 148 -17.55 2.04 -24.02
N PHE B 149 -16.85 1.97 -22.90
CA PHE B 149 -15.54 2.60 -22.82
C PHE B 149 -14.39 1.59 -22.75
N TYR B 150 -13.25 2.00 -23.30
CA TYR B 150 -12.04 1.20 -23.28
C TYR B 150 -10.85 2.15 -23.40
N PRO B 151 -9.81 1.95 -22.59
CA PRO B 151 -9.65 0.84 -21.62
C PRO B 151 -10.39 1.09 -20.31
N ASP B 152 -10.36 0.09 -19.43
CA ASP B 152 -10.94 0.22 -18.10
C ASP B 152 -10.09 1.17 -17.26
N HIS B 153 -10.31 2.47 -17.45
CA HIS B 153 -9.51 3.49 -16.79
C HIS B 153 -10.30 4.78 -16.63
N VAL B 154 -11.34 4.72 -15.80
CA VAL B 154 -12.20 5.89 -15.56
C VAL B 154 -12.34 6.22 -14.08
N GLU B 155 -12.86 7.40 -13.81
CA GLU B 155 -13.14 7.81 -12.43
C GLU B 155 -14.49 8.52 -12.36
N LEU B 156 -15.46 7.88 -11.71
CA LEU B 156 -16.80 8.45 -11.61
C LEU B 156 -16.96 9.28 -10.33
N SER B 157 -17.68 10.38 -10.45
CA SER B 157 -17.93 11.26 -9.31
C SER B 157 -19.30 11.89 -9.41
N TRP B 158 -19.97 12.02 -8.27
CA TRP B 158 -21.27 12.69 -8.22
C TRP B 158 -21.13 14.15 -7.83
N TRP B 159 -21.79 15.02 -8.58
CA TRP B 159 -21.79 16.44 -8.32
C TRP B 159 -23.20 16.97 -8.16
N VAL B 160 -23.55 17.31 -6.93
CA VAL B 160 -24.82 17.95 -6.63
C VAL B 160 -24.57 19.45 -6.44
N ASN B 161 -25.34 20.26 -7.15
CA ASN B 161 -25.17 21.72 -7.11
C ASN B 161 -23.73 22.16 -7.39
N GLY B 162 -23.09 21.50 -8.35
CA GLY B 162 -21.73 21.84 -8.73
C GLY B 162 -20.71 21.50 -7.67
N LYS B 163 -21.09 20.66 -6.71
CA LYS B 163 -20.18 20.25 -5.63
C LYS B 163 -20.16 18.74 -5.49
N GLU B 164 -18.97 18.16 -5.42
CA GLU B 164 -18.81 16.72 -5.32
C GLU B 164 -19.32 16.17 -3.99
N VAL B 165 -20.03 15.05 -4.05
CA VAL B 165 -20.55 14.41 -2.84
C VAL B 165 -20.09 12.96 -2.74
N HIS B 166 -20.06 12.44 -1.51
CA HIS B 166 -19.65 11.06 -1.27
C HIS B 166 -20.67 10.34 -0.39
N SER B 167 -21.69 11.07 0.04
CA SER B 167 -22.74 10.48 0.86
C SER B 167 -23.83 9.86 -0.01
N GLY B 168 -24.29 8.67 0.38
CA GLY B 168 -25.37 8.01 -0.33
C GLY B 168 -25.02 7.61 -1.75
N VAL B 169 -23.75 7.31 -1.99
CA VAL B 169 -23.33 6.85 -3.30
C VAL B 169 -22.69 5.46 -3.29
N CYS B 170 -23.17 4.59 -4.16
CA CYS B 170 -22.50 3.31 -4.39
C CYS B 170 -22.07 3.20 -5.84
N THR B 171 -20.78 3.39 -6.07
CA THR B 171 -20.19 3.17 -7.38
C THR B 171 -19.55 1.79 -7.36
N ASP B 172 -19.83 1.00 -8.40
CA ASP B 172 -19.29 -0.35 -8.50
C ASP B 172 -17.78 -0.35 -8.38
N PRO B 173 -17.23 -1.24 -7.54
CA PRO B 173 -15.79 -1.31 -7.24
C PRO B 173 -14.95 -1.48 -8.50
N GLN B 174 -15.50 -2.19 -9.48
CA GLN B 174 -14.85 -2.38 -10.77
C GLN B 174 -15.88 -2.67 -11.85
N PRO B 175 -15.71 -2.04 -13.02
CA PRO B 175 -16.66 -2.10 -14.15
C PRO B 175 -16.94 -3.52 -14.66
N LEU B 176 -17.84 -3.60 -15.64
CA LEU B 176 -18.27 -4.88 -16.18
C LEU B 176 -17.92 -5.02 -17.66
N LYS B 177 -17.44 -6.20 -18.04
CA LYS B 177 -17.21 -6.50 -19.45
C LYS B 177 -18.53 -6.62 -20.19
N GLU B 178 -18.70 -5.81 -21.24
CA GLU B 178 -19.89 -5.92 -22.08
C GLU B 178 -19.91 -7.28 -22.76
N GLN B 179 -18.71 -7.76 -23.12
CA GLN B 179 -18.54 -9.08 -23.69
C GLN B 179 -17.53 -9.84 -22.83
N PRO B 180 -18.01 -10.48 -21.76
CA PRO B 180 -17.12 -11.21 -20.82
C PRO B 180 -16.36 -12.35 -21.50
N ALA B 181 -16.86 -12.82 -22.63
CA ALA B 181 -16.18 -13.84 -23.40
C ALA B 181 -14.94 -13.27 -24.08
N LEU B 182 -15.02 -11.99 -24.45
CA LEU B 182 -13.89 -11.30 -25.05
C LEU B 182 -12.90 -10.89 -23.96
N ASN B 183 -11.70 -10.50 -24.37
CA ASN B 183 -10.67 -10.07 -23.43
C ASN B 183 -10.42 -8.57 -23.47
N ASP B 184 -10.41 -8.01 -24.67
CA ASP B 184 -10.27 -6.57 -24.83
C ASP B 184 -11.61 -5.92 -25.11
N SER B 185 -12.67 -6.48 -24.52
CA SER B 185 -14.02 -5.95 -24.67
C SER B 185 -14.15 -4.60 -23.97
N ARG B 186 -15.18 -3.85 -24.35
CA ARG B 186 -15.46 -2.57 -23.72
C ARG B 186 -15.96 -2.80 -22.30
N TYR B 187 -16.05 -1.73 -21.52
CA TYR B 187 -16.46 -1.83 -20.12
C TYR B 187 -17.68 -0.97 -19.81
N ALA B 188 -18.42 -1.36 -18.79
CA ALA B 188 -19.57 -0.59 -18.33
C ALA B 188 -19.51 -0.41 -16.82
N LEU B 189 -19.83 0.79 -16.36
CA LEU B 189 -19.79 1.09 -14.94
C LEU B 189 -21.06 1.81 -14.48
N SER B 190 -21.61 1.38 -13.35
CA SER B 190 -22.81 2.00 -12.80
C SER B 190 -22.55 2.63 -11.44
N SER B 191 -23.42 3.53 -11.04
CA SER B 191 -23.31 4.19 -9.74
C SER B 191 -24.69 4.65 -9.29
N ARG B 192 -24.96 4.61 -7.99
CA ARG B 192 -26.24 5.07 -7.48
C ARG B 192 -26.09 6.16 -6.45
N LEU B 193 -26.76 7.29 -6.67
CA LEU B 193 -26.83 8.35 -5.67
C LEU B 193 -28.23 8.41 -5.10
N ARG B 194 -28.34 8.15 -3.79
CA ARG B 194 -29.64 8.13 -3.14
C ARG B 194 -29.80 9.29 -2.17
N VAL B 195 -30.88 10.06 -2.34
CA VAL B 195 -31.17 11.19 -1.47
C VAL B 195 -32.59 11.08 -0.93
N SER B 196 -32.96 12.01 -0.05
CA SER B 196 -34.33 12.04 0.46
C SER B 196 -35.27 12.43 -0.67
N ALA B 197 -36.50 11.91 -0.62
CA ALA B 197 -37.47 12.16 -1.67
C ALA B 197 -37.78 13.65 -1.79
N THR B 198 -37.79 14.34 -0.66
CA THR B 198 -38.08 15.77 -0.64
C THR B 198 -36.94 16.59 -1.25
N PHE B 199 -35.76 15.98 -1.33
CA PHE B 199 -34.60 16.66 -1.90
C PHE B 199 -34.65 16.59 -3.43
N TRP B 200 -35.17 15.48 -3.95
CA TRP B 200 -35.35 15.32 -5.39
C TRP B 200 -36.61 16.03 -5.85
N GLN B 201 -37.58 16.14 -4.94
CA GLN B 201 -38.81 16.88 -5.21
C GLN B 201 -38.49 18.35 -5.49
N ASN B 202 -37.48 18.87 -4.81
CA ASN B 202 -37.02 20.24 -5.01
C ASN B 202 -36.47 20.43 -6.41
N PRO B 203 -37.17 21.21 -7.24
CA PRO B 203 -36.76 21.44 -8.63
C PRO B 203 -35.57 22.38 -8.73
N ARG B 204 -35.22 23.00 -7.61
CA ARG B 204 -34.11 23.96 -7.58
C ARG B 204 -32.78 23.28 -7.33
N ASN B 205 -32.81 21.96 -7.18
CA ASN B 205 -31.58 21.19 -6.96
C ASN B 205 -31.01 20.62 -8.27
N HIS B 206 -29.70 20.70 -8.40
CA HIS B 206 -29.02 20.26 -9.62
C HIS B 206 -28.16 19.02 -9.38
N PHE B 207 -28.50 17.94 -10.07
CA PHE B 207 -27.79 16.67 -9.89
C PHE B 207 -27.02 16.38 -11.18
N ARG B 208 -25.81 15.84 -11.06
CA ARG B 208 -25.02 15.51 -12.24
C ARG B 208 -23.97 14.44 -11.96
N CYS B 209 -23.91 13.40 -12.80
CA CYS B 209 -22.85 12.41 -12.66
C CYS B 209 -21.77 12.61 -13.72
N GLN B 210 -20.52 12.70 -13.26
CA GLN B 210 -19.40 12.99 -14.13
C GLN B 210 -18.44 11.81 -14.21
N VAL B 211 -18.04 11.48 -15.42
CA VAL B 211 -17.02 10.45 -15.63
C VAL B 211 -15.74 11.07 -16.22
N GLN B 212 -14.65 10.96 -15.46
CA GLN B 212 -13.35 11.39 -15.94
C GLN B 212 -12.69 10.22 -16.65
N PHE B 213 -12.52 10.36 -17.97
CA PHE B 213 -11.98 9.28 -18.79
C PHE B 213 -10.54 9.56 -19.19
N TYR B 214 -9.72 8.52 -19.14
CA TYR B 214 -8.32 8.62 -19.56
C TYR B 214 -8.09 7.79 -20.81
N GLY B 215 -7.78 8.45 -21.92
CA GLY B 215 -7.53 7.78 -23.18
C GLY B 215 -6.29 8.30 -23.87
N LEU B 216 -6.43 8.59 -25.17
CA LEU B 216 -5.31 9.09 -25.96
C LEU B 216 -4.87 10.48 -25.49
N SER B 217 -3.56 10.66 -25.39
CA SER B 217 -3.00 11.96 -25.03
C SER B 217 -2.95 12.85 -26.27
N GLU B 218 -2.47 14.07 -26.09
CA GLU B 218 -2.36 15.01 -27.20
C GLU B 218 -1.23 14.59 -28.13
N ASN B 219 -0.27 13.85 -27.60
CA ASN B 219 0.86 13.38 -28.38
C ASN B 219 0.63 11.99 -28.98
N ASP B 220 -0.64 11.63 -29.13
CA ASP B 220 -0.98 10.32 -29.68
C ASP B 220 -1.35 10.40 -31.17
N GLU B 221 -1.12 9.29 -31.87
CA GLU B 221 -1.39 9.21 -33.30
C GLU B 221 -2.87 8.93 -33.54
N TRP B 222 -3.45 9.59 -34.54
CA TRP B 222 -4.88 9.42 -34.81
C TRP B 222 -5.31 9.84 -36.21
N THR B 223 -5.67 8.85 -37.04
CA THR B 223 -6.27 9.10 -38.35
C THR B 223 -7.43 8.13 -38.56
N GLN B 224 -8.65 8.55 -38.23
CA GLN B 224 -9.80 7.67 -38.37
C GLN B 224 -11.13 8.40 -38.59
N ASP B 225 -12.17 7.64 -38.87
CA ASP B 225 -13.50 8.18 -39.14
C ASP B 225 -14.14 8.74 -37.87
N ARG B 226 -14.00 8.01 -36.77
CA ARG B 226 -14.58 8.43 -35.49
C ARG B 226 -13.88 9.67 -34.94
N ALA B 227 -14.47 10.25 -33.89
CA ALA B 227 -13.85 11.37 -33.20
C ALA B 227 -12.73 10.85 -32.31
N LYS B 228 -11.64 11.61 -32.23
CA LYS B 228 -10.48 11.22 -31.45
C LYS B 228 -10.82 11.00 -29.98
N PRO B 229 -10.71 9.74 -29.51
CA PRO B 229 -11.06 9.37 -28.14
C PRO B 229 -10.03 9.86 -27.12
N VAL B 230 -9.87 11.17 -27.03
CA VAL B 230 -8.92 11.77 -26.10
C VAL B 230 -9.34 11.55 -24.67
N THR B 231 -8.43 11.82 -23.74
CA THR B 231 -8.79 11.84 -22.33
C THR B 231 -9.73 13.02 -22.10
N GLN B 232 -10.94 12.72 -21.62
CA GLN B 232 -11.98 13.74 -21.56
C GLN B 232 -12.91 13.55 -20.37
N ILE B 233 -13.69 14.59 -20.09
CA ILE B 233 -14.70 14.53 -19.04
C ILE B 233 -16.08 14.40 -19.67
N VAL B 234 -16.65 13.20 -19.60
CA VAL B 234 -17.99 12.97 -20.14
C VAL B 234 -19.01 12.94 -19.02
N SER B 235 -19.98 13.85 -19.08
CA SER B 235 -20.92 14.04 -17.98
C SER B 235 -22.37 13.86 -18.40
N ALA B 236 -23.24 13.65 -17.41
CA ALA B 236 -24.68 13.60 -17.62
C ALA B 236 -25.37 14.33 -16.47
N GLU B 237 -26.58 14.84 -16.71
CA GLU B 237 -27.15 15.85 -15.82
C GLU B 237 -28.68 15.83 -15.75
N ALA B 238 -29.22 16.10 -14.56
CA ALA B 238 -30.67 16.17 -14.35
C ALA B 238 -31.03 17.15 -13.24
N TRP B 239 -32.16 17.84 -13.41
CA TRP B 239 -32.66 18.78 -12.41
C TRP B 239 -33.67 18.11 -11.48
N GLY B 240 -33.93 18.73 -10.34
CA GLY B 240 -34.92 18.23 -9.41
C GLY B 240 -36.30 18.25 -10.02
N ARG B 241 -37.24 17.52 -9.42
CA ARG B 241 -38.56 17.36 -10.01
C ARG B 241 -39.64 17.14 -8.97
N ALA B 242 -40.58 18.08 -8.89
CA ALA B 242 -41.71 17.97 -7.95
C ALA B 242 -42.63 16.81 -8.31
N ASP B 243 -43.31 16.95 -9.45
CA ASP B 243 -44.22 15.92 -9.97
C ASP B 243 -45.16 15.33 -8.92
N PRO C 3 32.30 -17.43 28.72
CA PRO C 3 32.50 -15.98 28.87
C PRO C 3 33.09 -15.36 27.61
N HIS C 4 32.33 -15.38 26.52
CA HIS C 4 32.79 -14.82 25.25
C HIS C 4 32.04 -13.52 24.93
N SER C 5 32.56 -12.76 23.98
CA SER C 5 31.93 -11.49 23.61
C SER C 5 32.06 -11.23 22.11
N MET C 6 31.41 -10.16 21.66
CA MET C 6 31.50 -9.74 20.27
C MET C 6 31.18 -8.25 20.18
N ARG C 7 31.90 -7.53 19.32
CA ARG C 7 31.72 -6.09 19.19
C ARG C 7 31.74 -5.62 17.74
N TYR C 8 31.08 -4.49 17.49
CA TYR C 8 31.15 -3.82 16.20
C TYR C 8 31.25 -2.31 16.42
N TYR C 9 32.34 -1.73 15.93
CA TYR C 9 32.56 -0.29 16.01
C TYR C 9 32.46 0.33 14.63
N GLU C 10 31.37 1.06 14.38
CA GLU C 10 31.17 1.75 13.12
C GLU C 10 31.19 3.26 13.33
N THR C 11 32.17 3.93 12.74
CA THR C 11 32.30 5.38 12.93
C THR C 11 32.29 6.15 11.62
N ALA C 12 31.87 7.42 11.70
CA ALA C 12 31.84 8.29 10.53
C ALA C 12 32.36 9.68 10.90
N THR C 13 33.20 10.25 10.04
CA THR C 13 33.79 11.56 10.29
C THR C 13 33.60 12.50 9.11
N SER C 14 33.08 13.70 9.37
CA SER C 14 32.85 14.68 8.32
C SER C 14 34.16 15.26 7.78
N ARG C 15 34.18 15.53 6.48
CA ARG C 15 35.39 15.99 5.80
C ARG C 15 35.42 17.51 5.66
N ARG C 16 36.60 18.10 5.82
CA ARG C 16 36.76 19.54 5.72
C ARG C 16 36.60 20.03 4.29
N GLY C 17 36.22 21.30 4.13
CA GLY C 17 36.00 21.87 2.82
C GLY C 17 34.68 21.43 2.23
N LEU C 18 34.74 20.62 1.18
CA LEU C 18 33.54 20.07 0.56
C LEU C 18 33.82 18.68 0.02
N GLY C 19 33.79 17.69 0.90
CA GLY C 19 34.05 16.32 0.52
C GLY C 19 33.19 15.32 1.28
N GLU C 20 33.05 14.12 0.71
CA GLU C 20 32.26 13.07 1.33
C GLU C 20 32.99 12.52 2.56
N PRO C 21 32.25 12.36 3.68
CA PRO C 21 32.78 11.89 4.96
C PRO C 21 33.45 10.52 4.86
N ARG C 22 34.25 10.18 5.88
CA ARG C 22 34.92 8.89 5.94
C ARG C 22 34.20 7.94 6.88
N TYR C 23 33.94 6.72 6.41
CA TYR C 23 33.24 5.73 7.20
C TYR C 23 34.10 4.48 7.43
N THR C 24 34.06 3.94 8.64
CA THR C 24 34.77 2.70 8.93
C THR C 24 33.95 1.77 9.81
N SER C 25 34.21 0.46 9.68
CA SER C 25 33.50 -0.55 10.44
C SER C 25 34.43 -1.68 10.84
N VAL C 26 34.81 -1.72 12.11
CA VAL C 26 35.72 -2.74 12.61
C VAL C 26 35.00 -3.73 13.52
N GLY C 27 35.23 -5.03 13.29
CA GLY C 27 34.58 -6.08 14.06
C GLY C 27 35.53 -6.81 14.99
N TYR C 28 35.07 -7.04 16.22
CA TYR C 28 35.87 -7.71 17.24
C TYR C 28 35.20 -8.99 17.74
N VAL C 29 35.99 -10.04 17.88
CA VAL C 29 35.52 -11.28 18.50
C VAL C 29 36.49 -11.71 19.60
N ASP C 30 36.04 -11.60 20.84
CA ASP C 30 36.87 -11.86 22.01
C ASP C 30 38.15 -11.02 21.99
N ASP C 31 37.97 -9.71 21.89
CA ASP C 31 39.07 -8.75 21.87
C ASP C 31 40.03 -9.00 20.71
N LYS C 32 39.49 -9.43 19.57
CA LYS C 32 40.30 -9.74 18.40
C LYS C 32 39.62 -9.24 17.13
N GLU C 33 40.31 -8.38 16.37
CA GLU C 33 39.77 -7.88 15.12
C GLU C 33 39.68 -9.00 14.08
N PHE C 34 38.49 -9.20 13.52
CA PHE C 34 38.28 -10.30 12.59
C PHE C 34 37.79 -9.86 11.21
N VAL C 35 37.03 -8.77 11.17
CA VAL C 35 36.50 -8.25 9.92
C VAL C 35 36.57 -6.71 9.90
N ARG C 36 36.98 -6.13 8.77
CA ARG C 36 37.22 -4.69 8.71
C ARG C 36 36.71 -4.04 7.42
N PHE C 37 36.32 -2.78 7.50
CA PHE C 37 35.88 -2.00 6.34
C PHE C 37 36.30 -0.54 6.45
N ASP C 38 36.60 0.07 5.29
CA ASP C 38 36.91 1.49 5.24
C ASP C 38 36.25 2.12 4.00
N SER C 39 36.17 3.45 3.98
CA SER C 39 35.48 4.14 2.89
C SER C 39 36.44 4.72 1.86
N ASP C 40 37.46 5.43 2.31
CA ASP C 40 38.40 6.10 1.41
C ASP C 40 39.42 5.15 0.79
N ALA C 41 39.27 3.86 1.05
CA ALA C 41 40.15 2.85 0.45
C ALA C 41 39.93 2.77 -1.05
N GLU C 42 40.89 2.20 -1.76
CA GLU C 42 40.80 2.07 -3.21
C GLU C 42 39.60 1.22 -3.62
N ASN C 43 39.43 0.08 -2.97
CA ASN C 43 38.28 -0.77 -3.21
C ASN C 43 37.50 -0.99 -1.91
N PRO C 44 36.59 -0.06 -1.58
CA PRO C 44 35.81 -0.07 -0.34
C PRO C 44 35.00 -1.34 -0.17
N ARG C 45 35.60 -2.35 0.47
CA ARG C 45 34.91 -3.61 0.74
C ARG C 45 35.32 -4.16 2.10
N TYR C 46 34.64 -5.22 2.52
CA TYR C 46 34.97 -5.89 3.78
C TYR C 46 36.10 -6.88 3.59
N GLU C 47 37.07 -6.87 4.50
CA GLU C 47 38.17 -7.81 4.46
C GLU C 47 38.32 -8.56 5.77
N PRO C 48 38.64 -9.87 5.69
CA PRO C 48 38.94 -10.67 6.88
C PRO C 48 40.32 -10.32 7.43
N GLN C 49 40.42 -10.17 8.75
CA GLN C 49 41.67 -9.78 9.38
C GLN C 49 42.36 -10.98 10.05
N VAL C 50 41.74 -12.14 9.92
CA VAL C 50 42.29 -13.38 10.48
C VAL C 50 42.16 -14.51 9.45
N PRO C 51 43.02 -15.53 9.54
CA PRO C 51 42.98 -16.62 8.55
C PRO C 51 41.70 -17.45 8.57
N TRP C 52 41.08 -17.59 9.74
CA TRP C 52 39.92 -18.47 9.90
C TRP C 52 38.73 -18.03 9.05
N MET C 53 38.62 -16.73 8.80
CA MET C 53 37.46 -16.18 8.08
C MET C 53 37.46 -16.47 6.59
N GLU C 54 38.64 -16.46 5.98
CA GLU C 54 38.81 -16.55 4.52
C GLU C 54 37.96 -17.64 3.83
N GLN C 55 37.62 -18.69 4.56
CA GLN C 55 36.85 -19.79 4.02
C GLN C 55 35.42 -19.41 3.62
N GLU C 56 34.88 -18.35 4.22
CA GLU C 56 33.51 -17.92 3.98
C GLU C 56 33.25 -17.62 2.51
N GLY C 57 32.07 -18.00 2.02
CA GLY C 57 31.72 -17.82 0.62
C GLY C 57 31.59 -16.36 0.21
N PRO C 58 31.66 -16.10 -1.11
CA PRO C 58 31.61 -14.75 -1.68
C PRO C 58 30.28 -14.04 -1.43
N GLU C 59 29.19 -14.80 -1.36
CA GLU C 59 27.86 -14.24 -1.13
C GLU C 59 27.80 -13.50 0.21
N TYR C 60 28.48 -14.07 1.21
CA TYR C 60 28.63 -13.46 2.52
C TYR C 60 29.25 -12.08 2.38
N TRP C 61 30.36 -12.03 1.64
CA TRP C 61 31.11 -10.80 1.46
C TRP C 61 30.34 -9.72 0.71
N GLU C 62 29.71 -10.09 -0.41
CA GLU C 62 28.92 -9.12 -1.16
C GLU C 62 27.74 -8.61 -0.34
N ARG C 63 27.09 -9.52 0.39
CA ARG C 63 25.96 -9.14 1.25
C ARG C 63 26.37 -8.13 2.30
N ILE C 64 27.40 -8.47 3.08
CA ILE C 64 27.84 -7.56 4.14
C ILE C 64 28.43 -6.27 3.57
N THR C 65 28.87 -6.32 2.31
CA THR C 65 29.35 -5.13 1.64
C THR C 65 28.19 -4.19 1.34
N GLN C 66 27.09 -4.74 0.83
CA GLN C 66 25.88 -3.97 0.60
C GLN C 66 25.39 -3.37 1.92
N ILE C 67 25.47 -4.18 2.98
CA ILE C 67 25.19 -3.71 4.34
C ILE C 67 26.04 -2.49 4.65
N ALA C 68 27.33 -2.57 4.34
CA ALA C 68 28.26 -1.47 4.59
C ALA C 68 27.88 -0.20 3.84
N LYS C 69 27.47 -0.34 2.58
CA LYS C 69 27.06 0.80 1.78
C LYS C 69 25.81 1.46 2.38
N GLY C 70 24.82 0.64 2.70
CA GLY C 70 23.62 1.11 3.36
C GLY C 70 23.97 1.84 4.64
N GLN C 71 25.00 1.36 5.33
CA GLN C 71 25.48 2.02 6.54
C GLN C 71 26.15 3.35 6.22
N GLU C 72 26.79 3.46 5.06
CA GLU C 72 27.38 4.73 4.65
C GLU C 72 26.30 5.77 4.47
N GLN C 73 25.26 5.42 3.70
CA GLN C 73 24.14 6.34 3.50
C GLN C 73 23.45 6.69 4.82
N TRP C 74 23.22 5.67 5.63
CA TRP C 74 22.61 5.81 6.95
C TRP C 74 23.37 6.84 7.80
N PHE C 75 24.67 6.61 7.95
CA PHE C 75 25.53 7.50 8.71
C PHE C 75 25.56 8.92 8.15
N ARG C 76 25.51 9.03 6.83
CA ARG C 76 25.47 10.34 6.18
C ARG C 76 24.23 11.12 6.58
N VAL C 77 23.07 10.51 6.37
CA VAL C 77 21.80 11.12 6.74
C VAL C 77 21.78 11.49 8.22
N ASN C 78 22.33 10.62 9.05
CA ASN C 78 22.36 10.87 10.49
C ASN C 78 23.30 11.98 10.93
N LEU C 79 24.43 12.14 10.25
CA LEU C 79 25.35 13.22 10.59
C LEU C 79 24.79 14.56 10.11
N ARG C 80 24.07 14.54 9.00
CA ARG C 80 23.34 15.73 8.57
C ARG C 80 22.29 16.08 9.62
N THR C 81 21.58 15.05 10.09
CA THR C 81 20.54 15.21 11.09
C THR C 81 21.08 15.84 12.38
N LEU C 82 22.11 15.23 12.94
CA LEU C 82 22.73 15.75 14.16
C LEU C 82 23.39 17.11 13.95
N LEU C 83 23.81 17.37 12.71
CA LEU C 83 24.29 18.70 12.35
C LEU C 83 23.16 19.70 12.51
N GLY C 84 21.96 19.28 12.14
CA GLY C 84 20.79 20.12 12.28
C GLY C 84 20.34 20.28 13.73
N TYR C 85 20.48 19.22 14.51
CA TYR C 85 20.04 19.22 15.91
C TYR C 85 20.77 20.24 16.78
N TYR C 86 22.10 20.19 16.76
CA TYR C 86 22.91 21.06 17.59
C TYR C 86 23.20 22.42 16.94
N ASN C 87 22.33 22.81 16.01
CA ASN C 87 22.44 24.08 15.27
C ASN C 87 23.86 24.47 14.85
N GLN C 88 24.56 23.54 14.21
CA GLN C 88 25.93 23.76 13.80
C GLN C 88 26.03 24.15 12.32
N SER C 89 26.96 25.04 12.01
CA SER C 89 27.22 25.41 10.63
C SER C 89 28.07 24.35 9.94
N ALA C 90 28.16 24.42 8.62
CA ALA C 90 28.81 23.37 7.84
C ALA C 90 30.31 23.56 7.68
N GLY C 91 30.87 24.58 8.34
CA GLY C 91 32.27 24.88 8.22
C GLY C 91 33.15 24.19 9.25
N GLY C 92 32.67 23.08 9.79
CA GLY C 92 33.40 22.35 10.80
C GLY C 92 33.47 20.85 10.56
N THR C 93 34.21 20.15 11.42
CA THR C 93 34.35 18.71 11.30
C THR C 93 33.88 18.00 12.56
N HIS C 94 32.94 17.07 12.40
CA HIS C 94 32.39 16.33 13.53
C HIS C 94 32.46 14.83 13.28
N THR C 95 32.12 14.05 14.29
CA THR C 95 32.16 12.59 14.17
C THR C 95 31.05 11.88 14.94
N LEU C 96 30.64 10.73 14.44
CA LEU C 96 29.56 9.94 15.03
C LEU C 96 29.99 8.48 15.18
N GLN C 97 29.75 7.91 16.34
CA GLN C 97 30.17 6.52 16.61
C GLN C 97 29.01 5.62 17.06
N TRP C 98 29.00 4.41 16.52
CA TRP C 98 28.03 3.39 16.89
C TRP C 98 28.74 2.13 17.33
N MET C 99 28.55 1.75 18.58
CA MET C 99 29.12 0.51 19.10
C MET C 99 28.00 -0.46 19.43
N TYR C 100 27.96 -1.60 18.75
CA TYR C 100 26.96 -2.60 19.07
C TYR C 100 27.56 -3.99 19.24
N GLY C 101 27.23 -4.65 20.35
CA GLY C 101 27.83 -5.93 20.65
C GLY C 101 27.01 -6.83 21.56
N CYS C 102 27.63 -7.91 22.02
CA CYS C 102 26.95 -8.88 22.86
C CYS C 102 27.92 -9.66 23.76
N ASP C 103 27.46 -9.96 24.97
CA ASP C 103 28.22 -10.75 25.93
C ASP C 103 27.47 -12.04 26.24
N VAL C 104 28.17 -13.15 26.08
CA VAL C 104 27.61 -14.49 26.26
C VAL C 104 28.34 -15.23 27.38
N GLY C 105 27.58 -15.79 28.32
CA GLY C 105 28.14 -16.49 29.45
C GLY C 105 28.63 -17.90 29.13
N SER C 106 28.91 -18.67 30.17
CA SER C 106 29.41 -20.02 30.02
C SER C 106 28.36 -20.95 29.41
N ASP C 107 27.10 -20.67 29.71
CA ASP C 107 25.99 -21.50 29.25
C ASP C 107 25.76 -21.36 27.75
N GLY C 108 26.40 -20.35 27.15
CA GLY C 108 26.26 -20.12 25.72
C GLY C 108 25.16 -19.12 25.41
N ARG C 109 24.26 -18.92 26.37
CA ARG C 109 23.15 -17.99 26.18
C ARG C 109 23.56 -16.56 26.48
N LEU C 110 22.90 -15.61 25.81
CA LEU C 110 23.24 -14.20 25.90
C LEU C 110 23.17 -13.66 27.33
N LEU C 111 24.25 -13.02 27.76
CA LEU C 111 24.28 -12.38 29.07
C LEU C 111 23.88 -10.91 28.97
N ARG C 112 24.62 -10.13 28.19
CA ARG C 112 24.34 -8.70 28.10
C ARG C 112 24.45 -8.12 26.69
N GLY C 113 23.36 -7.53 26.20
CA GLY C 113 23.37 -6.88 24.89
C GLY C 113 23.87 -5.46 24.97
N TYR C 114 24.52 -5.00 23.90
CA TYR C 114 25.09 -3.65 23.88
C TYR C 114 24.71 -2.85 22.64
N GLU C 115 24.17 -1.65 22.87
CA GLU C 115 23.78 -0.75 21.80
C GLU C 115 24.03 0.69 22.22
N GLN C 116 25.15 1.26 21.79
CA GLN C 116 25.53 2.60 22.22
C GLN C 116 25.85 3.55 21.05
N PHE C 117 25.27 4.74 21.11
CA PHE C 117 25.54 5.79 20.13
C PHE C 117 26.16 7.01 20.80
N ALA C 118 27.29 7.46 20.26
CA ALA C 118 27.99 8.62 20.79
C ALA C 118 28.27 9.64 19.68
N TYR C 119 28.33 10.92 20.07
CA TYR C 119 28.58 11.98 19.11
C TYR C 119 29.56 13.02 19.66
N ASP C 120 30.61 13.29 18.90
CA ASP C 120 31.65 14.25 19.28
C ASP C 120 32.30 13.94 20.62
N GLY C 121 32.59 12.66 20.84
CA GLY C 121 33.26 12.24 22.07
C GLY C 121 32.37 12.29 23.29
N CYS C 122 31.10 12.61 23.09
CA CYS C 122 30.15 12.69 24.19
C CYS C 122 29.09 11.60 24.08
N ASP C 123 28.64 11.09 25.22
CA ASP C 123 27.60 10.07 25.23
C ASP C 123 26.27 10.64 24.75
N TYR C 124 25.80 10.15 23.60
CA TYR C 124 24.55 10.63 23.02
C TYR C 124 23.36 9.85 23.55
N ILE C 125 23.21 8.60 23.10
CA ILE C 125 22.11 7.77 23.56
C ILE C 125 22.58 6.32 23.77
N ALA C 126 22.00 5.63 24.75
CA ALA C 126 22.41 4.26 25.03
C ALA C 126 21.24 3.35 25.38
N LEU C 127 21.28 2.12 24.87
CA LEU C 127 20.27 1.13 25.23
C LEU C 127 20.57 0.59 26.64
N ASN C 128 19.52 0.28 27.38
CA ASN C 128 19.68 -0.19 28.76
C ASN C 128 19.74 -1.71 28.88
N GLU C 129 20.04 -2.19 30.07
CA GLU C 129 20.20 -3.62 30.34
C GLU C 129 18.90 -4.39 30.13
N ASP C 130 17.76 -3.70 30.26
CA ASP C 130 16.47 -4.32 30.06
C ASP C 130 16.14 -4.49 28.58
N LEU C 131 16.98 -3.89 27.73
CA LEU C 131 16.83 -3.97 26.28
C LEU C 131 15.50 -3.40 25.77
N ARG C 132 14.85 -2.59 26.61
CA ARG C 132 13.56 -2.02 26.28
C ARG C 132 13.55 -0.50 26.37
N THR C 133 14.28 0.03 27.35
CA THR C 133 14.29 1.47 27.58
C THR C 133 15.53 2.13 26.99
N TRP C 134 15.62 3.45 27.12
CA TRP C 134 16.75 4.20 26.62
C TRP C 134 17.28 5.18 27.66
N THR C 135 18.59 5.37 27.68
CA THR C 135 19.22 6.36 28.53
C THR C 135 19.80 7.48 27.67
N ALA C 136 19.29 8.68 27.86
CA ALA C 136 19.73 9.86 27.13
C ALA C 136 20.14 10.95 28.11
N ALA C 137 21.08 11.78 27.72
CA ALA C 137 21.63 12.79 28.62
C ALA C 137 21.12 14.20 28.33
N ASP C 138 21.47 14.72 27.16
CA ASP C 138 21.21 16.13 26.83
C ASP C 138 19.87 16.38 26.14
N MET C 139 19.70 17.61 25.65
CA MET C 139 18.45 18.07 25.07
C MET C 139 18.08 17.35 23.78
N ALA C 140 19.05 17.22 22.88
CA ALA C 140 18.79 16.66 21.55
C ALA C 140 18.55 15.15 21.57
N ALA C 141 19.03 14.49 22.62
CA ALA C 141 18.95 13.03 22.70
C ALA C 141 17.55 12.55 23.10
N GLN C 142 16.87 13.35 23.91
CA GLN C 142 15.53 13.01 24.38
C GLN C 142 14.55 12.91 23.20
N ILE C 143 14.79 13.70 22.17
CA ILE C 143 14.01 13.64 20.94
C ILE C 143 14.12 12.25 20.33
N THR C 144 15.36 11.81 20.15
CA THR C 144 15.65 10.48 19.62
C THR C 144 15.00 9.41 20.48
N ARG C 145 15.03 9.61 21.79
CA ARG C 145 14.42 8.66 22.71
C ARG C 145 12.91 8.58 22.50
N ARG C 146 12.26 9.73 22.31
CA ARG C 146 10.82 9.76 22.08
C ARG C 146 10.46 9.06 20.77
N LYS C 147 11.10 9.50 19.69
CA LYS C 147 10.85 8.94 18.36
C LYS C 147 11.11 7.44 18.30
N TRP C 148 12.08 6.98 19.08
CA TRP C 148 12.41 5.55 19.12
C TRP C 148 11.50 4.79 20.08
N GLU C 149 10.89 5.50 21.02
CA GLU C 149 9.90 4.90 21.90
C GLU C 149 8.61 4.68 21.13
N GLN C 150 8.34 5.57 20.18
CA GLN C 150 7.15 5.46 19.36
C GLN C 150 7.36 4.50 18.18
N ALA C 151 8.58 4.46 17.65
CA ALA C 151 8.90 3.58 16.54
C ALA C 151 9.32 2.19 17.00
N GLY C 152 9.52 2.04 18.31
CA GLY C 152 9.91 0.78 18.89
C GLY C 152 11.27 0.31 18.38
N ALA C 153 12.31 1.07 18.72
CA ALA C 153 13.66 0.78 18.27
C ALA C 153 14.32 -0.29 19.13
N ALA C 154 14.07 -0.21 20.43
CA ALA C 154 14.67 -1.11 21.40
C ALA C 154 14.40 -2.58 21.09
N GLU C 155 13.21 -2.86 20.56
CA GLU C 155 12.83 -4.24 20.24
C GLU C 155 13.42 -4.71 18.91
N TYR C 156 13.74 -3.76 18.03
CA TYR C 156 14.41 -4.08 16.77
C TYR C 156 15.88 -4.43 17.05
N TYR C 157 16.54 -3.54 17.78
CA TYR C 157 17.93 -3.78 18.17
C TYR C 157 18.03 -4.98 19.10
N ARG C 158 16.95 -5.26 19.84
CA ARG C 158 16.87 -6.47 20.65
C ARG C 158 16.73 -7.68 19.74
N ALA C 159 15.99 -7.51 18.65
CA ALA C 159 15.80 -8.58 17.68
C ALA C 159 17.13 -8.96 17.04
N TYR C 160 17.99 -7.97 16.83
CA TYR C 160 19.33 -8.27 16.33
C TYR C 160 20.22 -8.88 17.42
N LEU C 161 20.26 -8.23 18.58
CA LEU C 161 21.14 -8.64 19.67
C LEU C 161 20.89 -10.07 20.14
N GLU C 162 19.65 -10.36 20.54
CA GLU C 162 19.29 -11.69 20.99
C GLU C 162 19.27 -12.68 19.83
N GLY C 163 19.24 -12.15 18.61
CA GLY C 163 19.15 -12.97 17.41
C GLY C 163 20.48 -13.28 16.77
N GLU C 164 20.73 -12.66 15.62
CA GLU C 164 21.87 -12.99 14.77
C GLU C 164 23.24 -12.88 15.44
N CYS C 165 23.38 -11.92 16.35
CA CYS C 165 24.64 -11.69 17.06
C CYS C 165 25.17 -12.96 17.72
N VAL C 166 24.32 -13.62 18.49
CA VAL C 166 24.69 -14.83 19.21
C VAL C 166 25.09 -15.96 18.27
N GLU C 167 24.20 -16.30 17.34
CA GLU C 167 24.43 -17.41 16.41
C GLU C 167 25.69 -17.21 15.57
N TRP C 168 25.89 -16.00 15.06
CA TRP C 168 27.08 -15.70 14.29
C TRP C 168 28.34 -15.73 15.17
N LEU C 169 28.20 -15.29 16.42
CA LEU C 169 29.31 -15.35 17.36
C LEU C 169 29.77 -16.79 17.58
N HIS C 170 28.83 -17.68 17.88
CA HIS C 170 29.14 -19.10 18.04
C HIS C 170 29.72 -19.68 16.76
N ARG C 171 29.15 -19.26 15.63
CA ARG C 171 29.59 -19.71 14.33
C ARG C 171 31.06 -19.37 14.09
N TYR C 172 31.48 -18.21 14.60
CA TYR C 172 32.87 -17.79 14.50
C TYR C 172 33.76 -18.53 15.49
N LEU C 173 33.25 -18.73 16.71
CA LEU C 173 33.98 -19.43 17.75
C LEU C 173 34.30 -20.86 17.36
N LYS C 174 33.40 -21.46 16.59
CA LYS C 174 33.59 -22.84 16.13
C LYS C 174 34.78 -22.94 15.18
N ASN C 175 35.10 -21.84 14.53
CA ASN C 175 36.21 -21.79 13.58
C ASN C 175 37.53 -21.41 14.23
N GLY C 176 37.62 -21.59 15.55
CA GLY C 176 38.83 -21.26 16.28
C GLY C 176 39.16 -22.31 17.33
N GLN D 1 28.07 -11.39 11.63
CA GLN D 1 27.19 -10.65 10.74
C GLN D 1 26.99 -9.22 11.21
N PRO D 2 27.39 -8.25 10.38
CA PRO D 2 27.16 -6.82 10.67
C PRO D 2 25.67 -6.49 10.70
N ALA D 3 25.31 -5.45 11.45
CA ALA D 3 23.92 -5.06 11.55
C ALA D 3 23.61 -3.84 10.68
N GLU D 4 22.34 -3.70 10.31
CA GLU D 4 21.89 -2.53 9.56
C GLU D 4 21.33 -1.50 10.54
N GLY D 5 21.76 -0.25 10.40
CA GLY D 5 21.33 0.83 11.27
C GLY D 5 19.81 0.99 11.25
N GLY D 6 19.24 0.98 10.05
CA GLY D 6 17.79 1.01 9.90
C GLY D 6 17.14 2.33 10.25
N PHE D 7 17.29 2.75 11.50
CA PHE D 7 16.60 3.93 12.00
C PHE D 7 17.42 5.21 11.91
N GLN D 8 16.81 6.26 11.36
CA GLN D 8 17.38 7.60 11.43
C GLN D 8 17.09 8.16 12.82
N LEU D 9 17.50 9.40 13.06
CA LEU D 9 17.27 10.03 14.36
C LEU D 9 17.39 11.54 14.28
#